data_8I64
#
_entry.id   8I64
#
_cell.length_a   69.070
_cell.length_b   44.420
_cell.length_c   67.760
_cell.angle_alpha   90.00
_cell.angle_beta   98.34
_cell.angle_gamma   90.00
#
_symmetry.space_group_name_H-M   'C 1 2 1'
#
loop_
_entity.id
_entity.type
_entity.pdbx_description
1 polymer 'Uracil-DNA glycosylase'
2 non-polymer 'BARBITURIC ACID'
3 non-polymer 1,2-ETHANEDIOL
4 water water
#
_entity_poly.entity_id   1
_entity_poly.type   'polypeptide(L)'
_entity_poly.pdbx_seq_one_letter_code
;MHHHHHHGMASMTARPLSELVERGWAAALEPVADQVAHMGQFLRAEIAAGRRYLPAGSNVLRAFTFPFDNVRVLIVGQDP
YPTPGHAVGLSFSVAPDVRPWPRSLANIFDEYTADLGYPLPSNGDLTPWAQRGVLLLNRVLTVRPSNPASHRGKGWEAVT
ECAIRALAARAAPLVAILWGRDASTLKPMLAAGNCVAIESPHPSPLSASRGFFGSRPFSRANELLVGMGAEPIDWRLP
;
_entity_poly.pdbx_strand_id   A
#
loop_
_chem_comp.id
_chem_comp.type
_chem_comp.name
_chem_comp.formula
BR8 non-polymer 'BARBITURIC ACID' 'C4 H4 N2 O3'
EDO non-polymer 1,2-ETHANEDIOL 'C2 H6 O2'
#
# COMPACT_ATOMS: atom_id res chain seq x y z
N ARG A 15 0.79 1.37 24.28
CA ARG A 15 0.71 0.11 23.48
C ARG A 15 1.90 0.05 22.52
N PRO A 16 3.09 -0.47 22.90
CA PRO A 16 4.28 -0.44 22.04
C PRO A 16 4.08 -1.13 20.68
N LEU A 17 4.62 -0.55 19.62
CA LEU A 17 4.46 -1.05 18.23
C LEU A 17 4.38 -2.58 18.22
N SER A 18 5.33 -3.27 18.87
CA SER A 18 5.42 -4.75 18.97
CA SER A 18 5.43 -4.75 18.88
C SER A 18 4.03 -5.38 19.07
N GLU A 19 3.11 -4.69 19.74
CA GLU A 19 1.72 -5.16 20.00
C GLU A 19 0.72 -4.71 18.91
N LEU A 20 1.17 -3.95 17.90
CA LEU A 20 0.32 -3.48 16.76
C LEU A 20 0.83 -4.02 15.41
N VAL A 21 2.11 -4.32 15.26
CA VAL A 21 2.73 -4.70 13.94
C VAL A 21 3.72 -5.84 14.18
N GLU A 22 4.18 -6.47 13.09
CA GLU A 22 5.14 -7.61 13.03
C GLU A 22 6.50 -7.12 13.55
N ARG A 23 7.25 -7.96 14.27
CA ARG A 23 8.53 -7.59 14.96
C ARG A 23 9.49 -6.86 14.01
N GLY A 24 9.73 -7.40 12.81
CA GLY A 24 10.62 -6.74 11.83
C GLY A 24 10.22 -5.30 11.63
N TRP A 25 8.94 -5.07 11.35
CA TRP A 25 8.36 -3.74 11.08
C TRP A 25 8.58 -2.86 12.30
N ALA A 26 8.32 -3.38 13.50
CA ALA A 26 8.45 -2.65 14.77
C ALA A 26 9.90 -2.19 14.95
N ALA A 27 10.87 -3.05 14.64
CA ALA A 27 12.29 -2.68 14.65
C ALA A 27 12.54 -1.64 13.54
N ALA A 28 11.98 -1.83 12.35
CA ALA A 28 12.11 -0.87 11.24
C ALA A 28 11.48 0.49 11.64
N LEU A 29 10.38 0.52 12.40
CA LEU A 29 9.63 1.77 12.67
C LEU A 29 9.94 2.38 14.05
N GLU A 30 10.85 1.82 14.86
CA GLU A 30 11.27 2.40 16.17
C GLU A 30 11.64 3.88 16.00
N PRO A 31 12.38 4.28 14.94
CA PRO A 31 12.69 5.70 14.73
C PRO A 31 11.46 6.63 14.67
N VAL A 32 10.27 6.11 14.36
CA VAL A 32 9.01 6.91 14.27
C VAL A 32 7.94 6.34 15.21
N ALA A 33 8.32 5.65 16.30
CA ALA A 33 7.36 5.07 17.28
C ALA A 33 6.54 6.19 17.94
N ASP A 34 7.17 7.34 18.20
CA ASP A 34 6.46 8.51 18.79
C ASP A 34 5.39 9.02 17.81
N GLN A 35 5.78 9.30 16.56
N GLN A 35 5.80 9.26 16.57
CA GLN A 35 4.85 9.80 15.51
CA GLN A 35 4.93 9.76 15.48
C GLN A 35 3.64 8.84 15.44
C GLN A 35 3.70 8.85 15.39
N VAL A 36 3.91 7.52 15.49
CA VAL A 36 2.84 6.48 15.45
C VAL A 36 1.87 6.66 16.64
N ALA A 37 2.38 6.72 17.87
CA ALA A 37 1.58 7.03 19.08
C ALA A 37 0.79 8.33 18.87
N HIS A 38 1.43 9.40 18.37
CA HIS A 38 0.78 10.72 18.14
C HIS A 38 -0.40 10.57 17.17
N MET A 39 -0.28 9.65 16.20
CA MET A 39 -1.38 9.44 15.23
C MET A 39 -2.55 8.80 15.99
N GLY A 40 -2.29 7.95 16.98
CA GLY A 40 -3.35 7.30 17.78
C GLY A 40 -4.13 8.32 18.59
N GLN A 41 -3.44 9.34 19.10
CA GLN A 41 -4.04 10.48 19.84
C GLN A 41 -4.91 11.28 18.89
N PHE A 42 -4.37 11.62 17.73
CA PHE A 42 -5.09 12.29 16.62
C PHE A 42 -6.37 11.50 16.28
N LEU A 43 -6.26 10.21 16.06
CA LEU A 43 -7.43 9.40 15.63
C LEU A 43 -8.42 9.32 16.79
N ARG A 44 -7.94 9.31 18.04
CA ARG A 44 -8.83 9.32 19.23
C ARG A 44 -9.60 10.64 19.26
N ALA A 45 -8.90 11.77 19.09
CA ALA A 45 -9.50 13.13 19.09
C ALA A 45 -10.54 13.22 17.98
N GLU A 46 -10.31 12.56 16.83
CA GLU A 46 -11.23 12.54 15.66
C GLU A 46 -12.56 11.87 16.03
N ILE A 47 -12.53 10.71 16.69
CA ILE A 47 -13.76 10.01 17.14
C ILE A 47 -14.49 10.90 18.17
N ALA A 48 -13.77 11.48 19.13
CA ALA A 48 -14.32 12.35 20.20
C ALA A 48 -15.11 13.51 19.57
N ALA A 49 -14.62 14.03 18.44
CA ALA A 49 -15.19 15.20 17.73
C ALA A 49 -16.27 14.78 16.73
N GLY A 50 -16.72 13.52 16.77
CA GLY A 50 -17.82 12.99 15.94
C GLY A 50 -17.36 12.75 14.51
N ARG A 51 -16.06 12.69 14.28
CA ARG A 51 -15.44 12.46 12.95
C ARG A 51 -14.77 11.09 12.95
N ARG A 52 -15.49 10.05 12.52
CA ARG A 52 -14.95 8.67 12.35
C ARG A 52 -13.79 8.72 11.36
N TYR A 53 -12.97 7.68 11.29
CA TYR A 53 -11.93 7.53 10.26
C TYR A 53 -11.97 6.11 9.71
N LEU A 54 -11.31 5.93 8.57
CA LEU A 54 -11.20 4.63 7.87
C LEU A 54 -9.73 4.43 7.54
N PRO A 55 -9.22 3.18 7.55
CA PRO A 55 -10.02 2.01 7.94
C PRO A 55 -10.32 1.90 9.44
N ALA A 56 -10.77 0.73 9.89
CA ALA A 56 -10.93 0.41 11.33
C ALA A 56 -9.55 0.48 11.98
N GLY A 57 -9.51 0.85 13.27
CA GLY A 57 -8.27 1.07 14.04
C GLY A 57 -7.36 -0.14 14.00
N SER A 58 -7.93 -1.33 14.13
CA SER A 58 -7.22 -2.62 14.07
C SER A 58 -6.63 -2.87 12.67
N ASN A 59 -7.12 -2.24 11.60
CA ASN A 59 -6.62 -2.45 10.21
C ASN A 59 -5.66 -1.33 9.77
N VAL A 60 -5.53 -0.24 10.54
CA VAL A 60 -4.79 0.98 10.10
C VAL A 60 -3.35 0.60 9.74
N LEU A 61 -2.68 -0.19 10.59
CA LEU A 61 -1.26 -0.62 10.42
C LEU A 61 -1.16 -2.05 9.88
N ARG A 62 -2.15 -2.53 9.13
CA ARG A 62 -2.26 -3.95 8.69
C ARG A 62 -1.16 -4.37 7.68
N ALA A 63 -0.78 -3.49 6.76
CA ALA A 63 0.27 -3.80 5.77
C ALA A 63 1.56 -4.23 6.50
N PHE A 64 1.78 -3.68 7.70
CA PHE A 64 2.99 -3.94 8.55
C PHE A 64 2.73 -5.14 9.47
N THR A 65 1.68 -5.92 9.21
CA THR A 65 1.38 -7.19 9.90
C THR A 65 1.98 -8.35 9.11
N PHE A 66 2.46 -8.12 7.90
CA PHE A 66 3.14 -9.17 7.10
C PHE A 66 4.64 -8.88 7.14
N PRO A 67 5.52 -9.92 7.10
CA PRO A 67 6.91 -9.77 7.53
C PRO A 67 7.71 -8.73 6.73
N PHE A 68 8.32 -7.77 7.46
CA PHE A 68 9.22 -6.73 6.92
C PHE A 68 10.27 -7.39 6.03
N ASP A 69 10.81 -8.51 6.51
CA ASP A 69 11.88 -9.28 5.82
C ASP A 69 11.35 -10.13 4.66
N ASN A 70 10.05 -10.10 4.33
CA ASN A 70 9.53 -10.91 3.18
C ASN A 70 9.06 -10.01 2.02
N VAL A 71 9.11 -8.69 2.17
CA VAL A 71 8.58 -7.73 1.15
C VAL A 71 9.50 -7.75 -0.07
N ARG A 72 8.99 -8.18 -1.23
CA ARG A 72 9.72 -8.24 -2.52
C ARG A 72 9.27 -7.06 -3.40
N VAL A 73 7.96 -6.80 -3.43
CA VAL A 73 7.35 -5.72 -4.25
C VAL A 73 6.59 -4.78 -3.32
N LEU A 74 6.89 -3.48 -3.37
CA LEU A 74 6.18 -2.41 -2.62
C LEU A 74 5.24 -1.69 -3.60
N ILE A 75 3.93 -1.67 -3.34
CA ILE A 75 2.96 -0.86 -4.13
C ILE A 75 2.57 0.34 -3.25
N VAL A 76 2.73 1.57 -3.74
CA VAL A 76 2.43 2.79 -2.94
C VAL A 76 1.31 3.56 -3.63
N GLY A 77 0.19 3.69 -2.93
CA GLY A 77 -0.92 4.58 -3.31
C GLY A 77 -0.86 5.88 -2.54
N GLN A 78 -2.01 6.55 -2.48
CA GLN A 78 -2.18 7.90 -1.92
C GLN A 78 -2.88 7.75 -0.55
N ASP A 79 -4.19 7.46 -0.57
CA ASP A 79 -5.05 7.49 0.64
C ASP A 79 -6.04 6.33 0.63
N PRO A 80 -6.47 5.86 1.81
CA PRO A 80 -7.47 4.81 1.92
C PRO A 80 -8.76 5.22 1.20
N TYR A 81 -9.52 4.22 0.72
CA TYR A 81 -10.88 4.36 0.14
C TYR A 81 -11.71 5.18 1.13
N PRO A 82 -12.36 6.29 0.70
CA PRO A 82 -13.17 7.09 1.64
C PRO A 82 -14.58 6.56 1.97
N THR A 83 -15.09 5.56 1.25
CA THR A 83 -16.48 5.07 1.42
C THR A 83 -16.54 4.01 2.51
N PRO A 84 -17.41 4.14 3.55
CA PRO A 84 -17.59 3.08 4.54
C PRO A 84 -17.81 1.71 3.89
N GLY A 85 -17.11 0.69 4.41
CA GLY A 85 -17.21 -0.73 3.97
C GLY A 85 -16.07 -1.13 3.04
N HIS A 86 -15.22 -0.18 2.65
CA HIS A 86 -14.21 -0.35 1.58
C HIS A 86 -12.81 -0.60 2.15
N ALA A 87 -12.14 0.44 2.66
CA ALA A 87 -10.78 0.43 3.27
C ALA A 87 -10.60 -0.74 4.26
N VAL A 88 -9.57 -1.57 4.08
CA VAL A 88 -9.23 -2.68 5.02
C VAL A 88 -7.75 -2.59 5.45
N GLY A 89 -7.03 -1.51 5.13
CA GLY A 89 -5.65 -1.26 5.62
C GLY A 89 -4.57 -1.91 4.77
N LEU A 90 -4.97 -2.65 3.74
CA LEU A 90 -4.12 -3.02 2.59
C LEU A 90 -4.55 -2.16 1.40
N SER A 91 -3.65 -1.35 0.82
CA SER A 91 -3.99 -0.41 -0.28
C SER A 91 -4.78 -1.18 -1.37
N PHE A 92 -5.96 -0.66 -1.75
CA PHE A 92 -6.79 -1.06 -2.93
C PHE A 92 -7.67 -2.29 -2.62
N SER A 93 -7.33 -3.03 -1.57
CA SER A 93 -8.06 -4.24 -1.13
C SER A 93 -9.44 -3.87 -0.56
N VAL A 94 -10.37 -4.80 -0.69
CA VAL A 94 -11.71 -4.74 -0.04
C VAL A 94 -12.03 -6.14 0.46
N ALA A 95 -12.97 -6.24 1.43
CA ALA A 95 -13.46 -7.52 2.00
C ALA A 95 -13.99 -8.42 0.88
N PRO A 96 -13.82 -9.75 1.05
CA PRO A 96 -14.24 -10.74 0.06
C PRO A 96 -15.66 -10.64 -0.53
N ASP A 97 -16.63 -10.03 0.15
CA ASP A 97 -18.06 -10.08 -0.24
C ASP A 97 -18.48 -8.75 -0.85
N VAL A 98 -17.57 -7.78 -0.86
CA VAL A 98 -17.79 -6.40 -1.38
C VAL A 98 -18.07 -6.46 -2.90
N ARG A 99 -19.26 -5.98 -3.30
CA ARG A 99 -19.68 -5.64 -4.69
C ARG A 99 -20.66 -4.47 -4.63
N PRO A 100 -20.60 -3.54 -5.59
CA PRO A 100 -19.55 -3.55 -6.62
C PRO A 100 -18.18 -3.18 -6.01
N TRP A 101 -17.10 -3.52 -6.72
CA TRP A 101 -15.71 -3.10 -6.40
C TRP A 101 -15.60 -1.58 -6.47
N PRO A 102 -14.70 -0.97 -5.67
CA PRO A 102 -14.29 0.41 -5.91
C PRO A 102 -13.63 0.55 -7.30
N ARG A 103 -13.77 1.72 -7.92
CA ARG A 103 -13.34 1.97 -9.33
C ARG A 103 -11.83 1.79 -9.48
N SER A 104 -11.02 2.11 -8.48
CA SER A 104 -9.54 1.90 -8.56
C SER A 104 -9.24 0.41 -8.72
N LEU A 105 -9.97 -0.42 -7.95
CA LEU A 105 -9.73 -1.89 -7.95
C LEU A 105 -10.22 -2.48 -9.29
N ALA A 106 -11.38 -2.05 -9.83
CA ALA A 106 -11.91 -2.57 -11.11
C ALA A 106 -10.87 -2.34 -12.21
N ASN A 107 -10.35 -1.12 -12.30
CA ASN A 107 -9.32 -0.67 -13.28
C ASN A 107 -8.06 -1.54 -13.11
N ILE A 108 -7.57 -1.72 -11.88
CA ILE A 108 -6.39 -2.55 -11.53
C ILE A 108 -6.57 -3.96 -12.10
N PHE A 109 -7.77 -4.52 -11.92
CA PHE A 109 -8.13 -5.91 -12.26
C PHE A 109 -8.19 -6.09 -13.77
N ASP A 110 -8.68 -5.07 -14.49
CA ASP A 110 -8.70 -5.05 -15.97
C ASP A 110 -7.26 -5.01 -16.50
N GLU A 111 -6.41 -4.12 -15.97
CA GLU A 111 -4.95 -4.07 -16.30
C GLU A 111 -4.31 -5.41 -15.92
N TYR A 112 -4.79 -6.03 -14.84
CA TYR A 112 -4.36 -7.37 -14.37
C TYR A 112 -4.63 -8.41 -15.46
N THR A 113 -5.83 -8.46 -16.05
CA THR A 113 -6.18 -9.50 -17.06
C THR A 113 -5.52 -9.14 -18.39
N ALA A 114 -5.45 -7.85 -18.75
CA ALA A 114 -4.68 -7.36 -19.92
C ALA A 114 -3.26 -7.93 -19.83
N ASP A 115 -2.56 -7.59 -18.73
CA ASP A 115 -1.13 -7.93 -18.48
C ASP A 115 -0.96 -9.44 -18.43
N LEU A 116 -1.64 -10.12 -17.50
CA LEU A 116 -1.27 -11.51 -17.09
C LEU A 116 -2.15 -12.54 -17.81
N GLY A 117 -3.30 -12.15 -18.36
CA GLY A 117 -4.19 -13.05 -19.15
C GLY A 117 -4.98 -14.05 -18.29
N TYR A 118 -5.00 -13.83 -16.97
CA TYR A 118 -5.78 -14.62 -15.97
C TYR A 118 -7.24 -14.18 -15.97
N PRO A 119 -8.17 -15.04 -15.51
CA PRO A 119 -9.57 -14.65 -15.44
C PRO A 119 -9.69 -13.43 -14.51
N LEU A 120 -10.74 -12.63 -14.70
CA LEU A 120 -11.18 -11.58 -13.75
C LEU A 120 -11.24 -12.21 -12.37
N PRO A 121 -10.61 -11.62 -11.31
CA PRO A 121 -10.66 -12.20 -9.97
C PRO A 121 -12.10 -12.36 -9.47
N SER A 122 -12.36 -13.25 -8.50
CA SER A 122 -13.74 -13.50 -7.96
C SER A 122 -14.22 -12.32 -7.14
N ASN A 123 -13.38 -11.89 -6.20
CA ASN A 123 -13.64 -10.74 -5.30
C ASN A 123 -12.41 -9.84 -5.30
N GLY A 124 -12.46 -8.76 -4.53
CA GLY A 124 -11.38 -7.76 -4.42
C GLY A 124 -10.44 -7.95 -3.24
N ASP A 125 -10.39 -9.13 -2.62
CA ASP A 125 -9.52 -9.43 -1.46
C ASP A 125 -8.09 -9.69 -1.96
N LEU A 126 -7.18 -8.76 -1.69
CA LEU A 126 -5.78 -8.79 -2.19
C LEU A 126 -4.87 -9.46 -1.16
N THR A 127 -5.41 -10.22 -0.19
CA THR A 127 -4.62 -10.84 0.92
C THR A 127 -3.57 -11.80 0.35
N PRO A 128 -3.86 -12.59 -0.70
CA PRO A 128 -2.84 -13.47 -1.27
C PRO A 128 -1.55 -12.72 -1.68
N TRP A 129 -1.66 -11.53 -2.27
CA TRP A 129 -0.50 -10.69 -2.65
C TRP A 129 0.32 -10.35 -1.40
N ALA A 130 -0.35 -9.90 -0.34
CA ALA A 130 0.26 -9.57 0.97
C ALA A 130 1.00 -10.79 1.53
N GLN A 131 0.41 -11.97 1.40
CA GLN A 131 1.01 -13.25 1.85
C GLN A 131 2.23 -13.59 0.99
N ARG A 132 2.39 -13.00 -0.21
CA ARG A 132 3.46 -13.38 -1.17
C ARG A 132 4.49 -12.25 -1.31
N GLY A 133 4.54 -11.33 -0.34
CA GLY A 133 5.61 -10.32 -0.23
C GLY A 133 5.30 -9.01 -0.96
N VAL A 134 4.04 -8.77 -1.33
CA VAL A 134 3.61 -7.45 -1.90
C VAL A 134 3.12 -6.59 -0.74
N LEU A 135 3.85 -5.53 -0.42
CA LEU A 135 3.39 -4.55 0.59
C LEU A 135 2.49 -3.54 -0.11
N LEU A 136 1.22 -3.55 0.29
CA LEU A 136 0.16 -2.70 -0.27
C LEU A 136 0.07 -1.43 0.59
N LEU A 137 0.87 -0.43 0.24
CA LEU A 137 1.06 0.76 1.11
C LEU A 137 0.29 1.93 0.53
N ASN A 138 -0.22 2.78 1.41
CA ASN A 138 -0.74 4.12 1.06
C ASN A 138 0.23 5.09 1.74
N ARG A 139 0.57 6.19 1.06
CA ARG A 139 1.35 7.30 1.65
C ARG A 139 0.68 7.78 2.94
N VAL A 140 -0.65 7.84 2.97
CA VAL A 140 -1.43 8.29 4.16
C VAL A 140 -2.40 7.15 4.49
N LEU A 141 -2.51 6.77 5.77
CA LEU A 141 -3.03 5.44 6.20
C LEU A 141 -4.41 5.55 6.86
N THR A 142 -4.99 6.75 6.95
CA THR A 142 -6.37 6.99 7.42
C THR A 142 -7.00 8.10 6.56
N VAL A 143 -8.32 8.21 6.60
CA VAL A 143 -9.11 9.26 5.89
C VAL A 143 -10.45 9.45 6.62
N ARG A 144 -10.98 10.68 6.63
CA ARG A 144 -12.37 10.98 7.11
C ARG A 144 -13.33 10.42 6.05
N PRO A 145 -14.38 9.64 6.45
CA PRO A 145 -15.26 9.02 5.47
C PRO A 145 -15.87 10.07 4.54
N SER A 146 -16.06 9.66 3.28
CA SER A 146 -16.64 10.46 2.16
C SER A 146 -15.92 11.80 1.97
N ASN A 147 -14.69 11.94 2.44
CA ASN A 147 -13.86 13.16 2.27
C ASN A 147 -12.46 12.67 1.86
N PRO A 148 -12.26 12.33 0.56
CA PRO A 148 -10.97 11.87 0.05
C PRO A 148 -9.78 12.75 0.46
N ALA A 149 -8.64 12.10 0.70
CA ALA A 149 -7.33 12.73 1.03
C ALA A 149 -7.43 13.65 2.25
N SER A 150 -8.46 13.55 3.08
CA SER A 150 -8.71 14.48 4.21
C SER A 150 -7.62 14.40 5.28
N HIS A 151 -6.85 13.29 5.38
CA HIS A 151 -5.82 13.10 6.43
C HIS A 151 -4.41 13.31 5.85
N ARG A 152 -4.29 13.92 4.67
CA ARG A 152 -3.00 14.44 4.14
C ARG A 152 -2.46 15.46 5.14
N GLY A 153 -1.14 15.49 5.34
CA GLY A 153 -0.45 16.48 6.18
C GLY A 153 -0.64 16.25 7.67
N LYS A 154 -1.27 15.15 8.08
CA LYS A 154 -1.59 14.95 9.53
C LYS A 154 -0.46 14.21 10.24
N GLY A 155 0.56 13.75 9.49
CA GLY A 155 1.82 13.21 10.06
C GLY A 155 2.04 11.75 9.71
N TRP A 156 1.24 11.18 8.81
CA TRP A 156 1.42 9.79 8.31
C TRP A 156 2.68 9.71 7.41
N GLU A 157 2.90 10.77 6.62
CA GLU A 157 3.96 10.92 5.59
C GLU A 157 5.33 10.56 6.18
N ALA A 158 5.64 11.02 7.40
CA ALA A 158 6.91 10.75 8.11
C ALA A 158 7.05 9.23 8.31
N VAL A 159 5.93 8.60 8.65
CA VAL A 159 5.85 7.16 9.05
C VAL A 159 6.04 6.32 7.79
N THR A 160 5.29 6.62 6.73
CA THR A 160 5.37 5.84 5.48
C THR A 160 6.75 6.09 4.84
N GLU A 161 7.34 7.28 4.97
CA GLU A 161 8.70 7.57 4.41
C GLU A 161 9.75 6.71 5.12
N CYS A 162 9.76 6.70 6.46
CA CYS A 162 10.65 5.81 7.29
C CYS A 162 10.47 4.34 6.89
N ALA A 163 9.22 3.89 6.73
CA ALA A 163 8.88 2.53 6.27
C ALA A 163 9.50 2.29 4.89
N ILE A 164 9.23 3.15 3.89
CA ILE A 164 9.85 3.01 2.53
C ILE A 164 11.40 3.06 2.63
N ARG A 165 11.96 4.04 3.34
CA ARG A 165 13.44 4.17 3.49
C ARG A 165 14.01 2.88 4.07
N ALA A 166 13.32 2.28 5.02
CA ALA A 166 13.78 1.08 5.75
C ALA A 166 13.72 -0.16 4.83
N LEU A 167 12.74 -0.27 3.93
CA LEU A 167 12.65 -1.39 2.96
C LEU A 167 13.79 -1.30 1.93
N ALA A 168 14.18 -0.07 1.60
CA ALA A 168 15.24 0.20 0.61
C ALA A 168 16.62 -0.12 1.15
N ALA A 169 16.86 0.08 2.44
CA ALA A 169 18.20 -0.11 3.04
C ALA A 169 18.42 -1.56 3.45
N ARG A 170 17.45 -2.41 3.12
CA ARG A 170 17.30 -3.81 3.61
C ARG A 170 18.14 -4.87 2.93
N ALA A 171 19.01 -4.53 2.00
CA ALA A 171 19.98 -5.54 1.50
C ALA A 171 19.22 -6.78 1.04
N ALA A 172 18.28 -6.59 0.12
CA ALA A 172 17.43 -7.61 -0.54
C ALA A 172 16.75 -6.92 -1.71
N PRO A 173 16.44 -7.64 -2.79
CA PRO A 173 15.73 -7.03 -3.92
C PRO A 173 14.37 -6.42 -3.53
N LEU A 174 14.05 -5.29 -4.13
CA LEU A 174 12.74 -4.57 -3.99
C LEU A 174 12.39 -3.91 -5.32
N VAL A 175 11.17 -4.15 -5.79
CA VAL A 175 10.52 -3.38 -6.90
C VAL A 175 9.43 -2.51 -6.25
N ALA A 176 9.51 -1.20 -6.46
CA ALA A 176 8.50 -0.23 -6.02
C ALA A 176 7.60 0.12 -7.22
N ILE A 177 6.28 0.09 -7.02
CA ILE A 177 5.26 0.51 -8.01
C ILE A 177 4.58 1.72 -7.39
N LEU A 178 4.82 2.88 -8.01
CA LEU A 178 4.38 4.20 -7.53
C LEU A 178 3.20 4.65 -8.40
N TRP A 179 1.99 4.45 -7.88
CA TRP A 179 0.70 4.83 -8.50
C TRP A 179 0.30 6.21 -7.98
N GLY A 180 0.35 7.21 -8.86
CA GLY A 180 -0.24 8.54 -8.64
C GLY A 180 0.78 9.62 -8.32
N ARG A 181 0.33 10.65 -7.61
CA ARG A 181 0.99 11.99 -7.50
C ARG A 181 2.24 11.93 -6.62
N ASP A 182 2.51 10.81 -5.94
CA ASP A 182 3.61 10.65 -4.95
C ASP A 182 4.84 10.01 -5.62
N ALA A 183 4.80 9.71 -6.92
CA ALA A 183 5.93 9.09 -7.67
C ALA A 183 7.23 9.90 -7.48
N SER A 184 7.25 11.21 -7.78
CA SER A 184 8.50 12.03 -7.84
C SER A 184 9.07 12.28 -6.43
N THR A 185 8.23 12.21 -5.41
CA THR A 185 8.60 12.35 -3.98
C THR A 185 9.22 11.05 -3.47
N LEU A 186 8.81 9.92 -4.04
CA LEU A 186 9.14 8.59 -3.45
C LEU A 186 10.29 7.96 -4.24
N LYS A 187 10.49 8.34 -5.50
CA LYS A 187 11.57 7.79 -6.33
C LYS A 187 12.92 8.03 -5.64
N PRO A 188 13.19 9.25 -5.11
CA PRO A 188 14.46 9.53 -4.45
C PRO A 188 14.76 8.62 -3.24
N MET A 189 13.77 8.32 -2.40
CA MET A 189 13.92 7.41 -1.22
C MET A 189 14.25 5.97 -1.67
N LEU A 190 14.18 5.69 -2.97
CA LEU A 190 14.21 4.31 -3.53
C LEU A 190 15.31 4.13 -4.59
N ALA A 191 16.28 5.05 -4.68
CA ALA A 191 17.49 4.96 -5.55
C ALA A 191 18.59 4.22 -4.76
N ALA A 192 18.84 2.97 -5.13
CA ALA A 192 19.73 2.03 -4.41
C ALA A 192 19.92 0.80 -5.31
N GLY A 193 21.12 0.24 -5.39
CA GLY A 193 21.45 -0.82 -6.37
C GLY A 193 20.41 -1.94 -6.40
N ASN A 194 19.89 -2.33 -5.22
CA ASN A 194 18.96 -3.48 -4.99
C ASN A 194 17.49 -3.09 -5.24
N CYS A 195 17.19 -1.83 -5.58
CA CYS A 195 15.80 -1.29 -5.74
C CYS A 195 15.58 -0.71 -7.14
N VAL A 196 14.41 -0.99 -7.73
CA VAL A 196 13.89 -0.31 -8.95
C VAL A 196 12.49 0.24 -8.65
N ALA A 197 12.27 1.53 -8.92
CA ALA A 197 10.97 2.23 -8.82
C ALA A 197 10.42 2.45 -10.23
N ILE A 198 9.24 1.89 -10.50
CA ILE A 198 8.42 2.10 -11.73
C ILE A 198 7.13 2.82 -11.32
N GLU A 199 6.77 3.83 -12.11
CA GLU A 199 5.60 4.72 -11.87
C GLU A 199 4.59 4.58 -13.02
N SER A 200 3.35 4.94 -12.74
CA SER A 200 2.28 5.25 -13.72
C SER A 200 1.33 6.21 -13.03
N PRO A 201 0.55 7.00 -13.80
CA PRO A 201 -0.67 7.62 -13.25
C PRO A 201 -1.52 6.63 -12.42
N HIS A 202 -2.27 7.19 -11.46
CA HIS A 202 -3.10 6.44 -10.49
C HIS A 202 -4.19 5.68 -11.22
N PRO A 203 -4.55 4.45 -10.80
CA PRO A 203 -5.64 3.71 -11.44
C PRO A 203 -7.07 4.26 -11.24
N SER A 204 -7.21 5.38 -10.54
CA SER A 204 -8.50 6.09 -10.34
C SER A 204 -9.05 6.55 -11.70
N PRO A 205 -10.39 6.64 -11.87
CA PRO A 205 -10.99 6.82 -13.20
C PRO A 205 -10.48 8.06 -13.97
N LEU A 206 -10.12 9.12 -13.25
CA LEU A 206 -9.74 10.40 -13.90
C LEU A 206 -8.31 10.30 -14.45
N SER A 207 -7.42 9.55 -13.78
CA SER A 207 -5.98 9.40 -14.13
C SER A 207 -5.75 8.18 -15.04
N ALA A 208 -6.55 7.13 -14.88
CA ALA A 208 -6.23 5.76 -15.37
C ALA A 208 -6.06 5.74 -16.89
N SER A 209 -6.81 6.58 -17.59
CA SER A 209 -6.87 6.61 -19.08
C SER A 209 -5.59 7.25 -19.63
N ARG A 210 -4.93 8.10 -18.85
CA ARG A 210 -3.70 8.81 -19.32
C ARG A 210 -2.46 8.15 -18.70
N GLY A 211 -2.37 6.81 -18.75
CA GLY A 211 -1.10 6.10 -18.60
C GLY A 211 -1.12 4.89 -17.68
N PHE A 212 -2.20 4.63 -16.91
CA PHE A 212 -2.31 3.42 -16.04
C PHE A 212 -2.59 2.21 -16.91
N PHE A 213 -3.65 2.28 -17.71
CA PHE A 213 -4.01 1.21 -18.68
C PHE A 213 -2.86 1.06 -19.67
N GLY A 214 -2.39 -0.17 -19.88
CA GLY A 214 -1.26 -0.49 -20.77
C GLY A 214 0.11 -0.44 -20.07
N SER A 215 0.17 -0.10 -18.77
CA SER A 215 1.47 0.05 -18.05
C SER A 215 2.04 -1.32 -17.66
N ARG A 216 1.22 -2.36 -17.65
CA ARG A 216 1.71 -3.76 -17.52
C ARG A 216 2.69 -3.83 -16.36
N PRO A 217 2.34 -3.35 -15.14
CA PRO A 217 3.29 -3.24 -14.03
C PRO A 217 3.62 -4.56 -13.34
N PHE A 218 2.70 -5.52 -13.38
CA PHE A 218 2.81 -6.83 -12.69
C PHE A 218 3.89 -7.69 -13.36
N SER A 219 3.83 -7.83 -14.67
CA SER A 219 4.81 -8.63 -15.43
C SER A 219 6.10 -7.83 -15.62
N ARG A 220 6.06 -6.50 -15.48
CA ARG A 220 7.30 -5.68 -15.45
C ARG A 220 8.05 -5.96 -14.14
N ALA A 221 7.33 -5.86 -13.01
CA ALA A 221 7.80 -6.16 -11.65
C ALA A 221 8.50 -7.51 -11.66
N ASN A 222 7.85 -8.52 -12.21
CA ASN A 222 8.37 -9.90 -12.21
C ASN A 222 9.69 -9.95 -12.97
N GLU A 223 9.77 -9.37 -14.17
CA GLU A 223 10.99 -9.37 -15.01
C GLU A 223 12.15 -8.74 -14.24
N LEU A 224 11.89 -7.64 -13.56
CA LEU A 224 12.89 -6.89 -12.75
C LEU A 224 13.34 -7.78 -11.58
N LEU A 225 12.44 -8.57 -10.96
CA LEU A 225 12.78 -9.53 -9.88
C LEU A 225 13.66 -10.64 -10.44
N VAL A 226 13.17 -11.41 -11.43
CA VAL A 226 13.93 -12.49 -12.10
C VAL A 226 15.29 -11.92 -12.52
N GLY A 227 15.32 -10.66 -12.97
CA GLY A 227 16.53 -9.91 -13.35
C GLY A 227 17.52 -9.84 -12.20
N MET A 228 17.02 -9.60 -10.97
CA MET A 228 17.81 -9.39 -9.72
C MET A 228 18.04 -10.73 -9.01
N GLY A 229 17.79 -11.85 -9.69
CA GLY A 229 17.99 -13.22 -9.15
C GLY A 229 16.94 -13.63 -8.12
N ALA A 230 15.99 -12.76 -7.77
CA ALA A 230 14.86 -13.04 -6.85
C ALA A 230 13.72 -13.74 -7.59
N GLU A 231 12.90 -14.46 -6.84
CA GLU A 231 11.70 -15.18 -7.36
C GLU A 231 10.66 -14.19 -7.90
N PRO A 232 9.93 -14.52 -8.99
CA PRO A 232 8.80 -13.69 -9.40
C PRO A 232 7.67 -13.75 -8.35
N ILE A 233 6.81 -12.75 -8.29
CA ILE A 233 5.52 -12.83 -7.54
C ILE A 233 4.60 -13.77 -8.32
N ASP A 234 3.86 -14.65 -7.64
CA ASP A 234 2.61 -15.26 -8.19
C ASP A 234 1.47 -14.26 -7.94
N TRP A 235 1.01 -13.60 -9.01
CA TRP A 235 -0.03 -12.54 -8.90
C TRP A 235 -1.44 -13.16 -8.89
N ARG A 236 -1.59 -14.47 -9.12
CA ARG A 236 -2.90 -15.15 -9.34
C ARG A 236 -3.84 -14.97 -8.13
N LEU A 237 -5.00 -14.38 -8.39
CA LEU A 237 -6.11 -14.24 -7.41
C LEU A 237 -7.22 -15.21 -7.80
N PRO A 238 -7.89 -15.86 -6.83
CA PRO A 238 -8.98 -16.77 -7.15
C PRO A 238 -10.09 -16.04 -7.94
N1 BR8 B . -5.32 3.73 -2.17
C2 BR8 B . -5.46 4.77 -3.05
O2 BR8 B . -4.56 5.56 -3.24
N3 BR8 B . -6.69 4.91 -3.65
C4 BR8 B . -7.83 4.24 -3.30
O4 BR8 B . -8.89 4.45 -3.87
C5 BR8 B . -7.71 3.21 -2.22
C6 BR8 B . -6.34 2.96 -1.68
O8 BR8 B . -6.11 2.09 -0.87
C1 EDO C . -5.59 3.12 16.68
O1 EDO C . -6.26 2.32 17.64
C2 EDO C . -4.26 2.56 16.29
O2 EDO C . -3.52 3.41 15.41
#